data_8AIJ
#
_entry.id   8AIJ
#
_cell.length_a   45.376
_cell.length_b   51.589
_cell.length_c   52.604
_cell.angle_alpha   101.809
_cell.angle_beta   99.474
_cell.angle_gamma   115.811
#
_symmetry.space_group_name_H-M   'P 1'
#
loop_
_entity.id
_entity.type
_entity.pdbx_description
1 polymer 'Fucose-binding lectin PA-IIL'
2 non-polymer 'CALCIUM ION'
3 non-polymer N-(alpha-L-Fucopyranosyl)benzamide
4 non-polymer 1,2-ETHANEDIOL
5 water water
#
_entity_poly.entity_id   1
_entity_poly.type   'polypeptide(L)'
_entity_poly.pdbx_seq_one_letter_code
;ATQGVFTLPANTRFGVTAFANSSGTQTVNVLVNNETAATFSGQSTNNAVIGTQVLNSGSSGKVQVQVSVNGRPSDLVSAQ
VILTNELNFALVGSEDGTDNDYNDAVVVINWPLG
;
_entity_poly.pdbx_strand_id   AAA,BBB,CCC,DDD
#
# COMPACT_ATOMS: atom_id res chain seq x y z
N ALA A 1 -5.04 13.23 10.89
CA ALA A 1 -5.68 13.29 9.59
C ALA A 1 -7.02 12.54 9.61
N THR A 2 -7.90 12.94 8.73
CA THR A 2 -9.14 12.17 8.48
C THR A 2 -8.82 10.76 7.96
N GLN A 3 -9.54 9.79 8.50
CA GLN A 3 -9.34 8.39 8.11
C GLN A 3 -10.69 7.75 7.81
N GLY A 4 -10.70 6.71 6.98
CA GLY A 4 -11.94 6.00 6.62
C GLY A 4 -12.80 6.70 5.61
N VAL A 5 -12.27 7.68 4.90
CA VAL A 5 -12.99 8.40 3.80
C VAL A 5 -12.26 8.16 2.50
N PHE A 6 -12.99 7.76 1.48
CA PHE A 6 -12.38 7.36 0.20
C PHE A 6 -13.18 7.99 -0.95
N THR A 7 -12.47 8.46 -1.96
CA THR A 7 -13.14 8.92 -3.18
C THR A 7 -13.00 7.80 -4.20
N LEU A 8 -14.09 7.16 -4.54
CA LEU A 8 -14.12 6.11 -5.56
C LEU A 8 -14.46 6.79 -6.88
N PRO A 9 -14.22 6.11 -8.01
CA PRO A 9 -14.78 6.56 -9.27
C PRO A 9 -16.30 6.67 -9.05
N ALA A 10 -16.93 7.68 -9.68
CA ALA A 10 -18.40 7.84 -9.50
C ALA A 10 -19.18 6.73 -10.18
N ASN A 11 -20.35 6.44 -9.63
CA ASN A 11 -21.36 5.58 -10.25
C ASN A 11 -20.79 4.18 -10.49
N THR A 12 -19.97 3.68 -9.55
CA THR A 12 -19.20 2.42 -9.70
C THR A 12 -19.68 1.44 -8.62
N ARG A 13 -19.88 0.20 -9.01
CA ARG A 13 -20.14 -0.86 -8.02
C ARG A 13 -18.84 -1.15 -7.28
N PHE A 14 -18.94 -1.39 -5.98
CA PHE A 14 -17.78 -1.77 -5.16
C PHE A 14 -18.27 -2.76 -4.11
N GLY A 15 -17.36 -3.57 -3.63
CA GLY A 15 -17.64 -4.48 -2.54
C GLY A 15 -17.19 -3.91 -1.23
N VAL A 16 -17.88 -4.21 -0.16
CA VAL A 16 -17.44 -3.83 1.20
C VAL A 16 -17.67 -5.04 2.09
N THR A 17 -16.64 -5.39 2.86
CA THR A 17 -16.64 -6.57 3.72
C THR A 17 -16.10 -6.13 5.07
N ALA A 18 -16.67 -6.62 6.19
CA ALA A 18 -16.16 -6.30 7.51
C ALA A 18 -15.82 -7.58 8.29
N PHE A 19 -14.73 -7.52 9.00
CA PHE A 19 -14.24 -8.61 9.87
C PHE A 19 -14.18 -8.15 11.30
N ALA A 20 -14.44 -9.04 12.25
CA ALA A 20 -14.40 -8.67 13.70
C ALA A 20 -13.31 -9.43 14.43
N ASN A 21 -12.59 -8.73 15.31
CA ASN A 21 -11.53 -9.30 16.17
C ASN A 21 -11.50 -8.60 17.54
N SER A 22 -12.51 -8.89 18.37
CA SER A 22 -12.69 -8.15 19.64
C SER A 22 -13.71 -8.88 20.51
N SER A 23 -13.57 -8.75 21.82
N SER A 23 -13.61 -8.70 21.82
CA SER A 23 -14.62 -9.16 22.77
CA SER A 23 -14.64 -9.15 22.77
C SER A 23 -15.88 -8.30 22.59
C SER A 23 -15.91 -8.29 22.59
N GLY A 24 -15.77 -7.10 22.04
CA GLY A 24 -16.90 -6.18 21.90
C GLY A 24 -17.66 -6.37 20.62
N THR A 25 -18.97 -6.24 20.65
CA THR A 25 -19.79 -6.24 19.44
C THR A 25 -19.47 -5.01 18.58
N GLN A 26 -19.05 -5.22 17.35
CA GLN A 26 -18.73 -4.13 16.44
C GLN A 26 -19.95 -3.74 15.63
N THR A 27 -20.11 -2.43 15.39
CA THR A 27 -21.13 -1.95 14.44
C THR A 27 -20.40 -1.12 13.39
N VAL A 28 -20.51 -1.53 12.13
CA VAL A 28 -19.81 -0.86 11.01
C VAL A 28 -20.86 -0.17 10.16
N ASN A 29 -20.70 1.14 9.98
N ASN A 29 -20.71 1.14 9.98
CA ASN A 29 -21.60 1.91 9.10
CA ASN A 29 -21.62 1.94 9.12
C ASN A 29 -20.81 2.27 7.83
C ASN A 29 -20.85 2.32 7.86
N VAL A 30 -21.40 2.04 6.69
CA VAL A 30 -20.84 2.46 5.39
C VAL A 30 -21.76 3.51 4.81
N LEU A 31 -21.23 4.70 4.61
N LEU A 31 -21.24 4.72 4.63
CA LEU A 31 -21.98 5.87 4.12
CA LEU A 31 -21.98 5.89 4.12
C LEU A 31 -21.57 6.08 2.67
C LEU A 31 -21.57 6.10 2.67
N VAL A 32 -22.55 6.35 1.81
CA VAL A 32 -22.32 6.78 0.43
C VAL A 32 -22.98 8.13 0.27
N ASN A 33 -22.16 9.13 -0.10
CA ASN A 33 -22.60 10.55 -0.22
C ASN A 33 -23.33 10.91 1.07
N ASN A 34 -22.69 10.58 2.18
CA ASN A 34 -23.04 11.07 3.54
C ASN A 34 -24.34 10.44 4.02
N GLU A 35 -24.81 9.32 3.45
CA GLU A 35 -26.02 8.62 3.95
C GLU A 35 -25.69 7.15 4.18
N THR A 36 -26.15 6.57 5.29
CA THR A 36 -25.90 5.13 5.55
C THR A 36 -26.47 4.27 4.44
N ALA A 37 -25.62 3.44 3.83
CA ALA A 37 -25.96 2.50 2.75
C ALA A 37 -25.85 1.07 3.24
N ALA A 38 -25.02 0.80 4.25
CA ALA A 38 -24.89 -0.58 4.76
C ALA A 38 -24.52 -0.49 6.22
N THR A 39 -25.01 -1.46 7.01
CA THR A 39 -24.67 -1.58 8.43
C THR A 39 -24.41 -3.05 8.74
N PHE A 40 -23.26 -3.35 9.32
CA PHE A 40 -22.89 -4.72 9.69
C PHE A 40 -22.65 -4.72 11.18
N SER A 41 -22.89 -5.86 11.79
CA SER A 41 -22.61 -5.99 13.24
C SER A 41 -22.32 -7.44 13.61
N GLY A 42 -21.43 -7.59 14.57
CA GLY A 42 -21.15 -8.94 15.10
C GLY A 42 -20.07 -8.92 16.11
N GLN A 43 -19.77 -10.10 16.67
CA GLN A 43 -18.81 -10.20 17.77
C GLN A 43 -18.02 -11.46 17.52
N SER A 44 -16.72 -11.36 17.30
CA SER A 44 -15.85 -12.52 17.07
C SER A 44 -14.45 -12.12 17.49
N THR A 45 -13.68 -13.06 18.01
CA THR A 45 -12.22 -12.93 18.19
C THR A 45 -11.47 -13.78 17.17
N ASN A 46 -12.14 -14.16 16.10
CA ASN A 46 -11.55 -15.08 15.12
C ASN A 46 -11.93 -14.66 13.71
N ASN A 47 -11.97 -13.35 13.45
CA ASN A 47 -12.01 -12.80 12.08
C ASN A 47 -13.32 -13.10 11.36
N ALA A 48 -14.42 -13.25 12.07
CA ALA A 48 -15.73 -13.50 11.43
C ALA A 48 -15.99 -12.41 10.39
N VAL A 49 -16.55 -12.84 9.27
CA VAL A 49 -17.02 -11.91 8.21
C VAL A 49 -18.42 -11.49 8.61
N ILE A 50 -18.53 -10.41 9.35
CA ILE A 50 -19.84 -10.02 9.95
C ILE A 50 -20.76 -9.38 8.90
N GLY A 51 -20.25 -8.99 7.75
CA GLY A 51 -21.11 -8.56 6.64
C GLY A 51 -20.30 -8.37 5.39
N THR A 52 -20.98 -8.50 4.27
CA THR A 52 -20.38 -8.23 2.94
C THR A 52 -21.54 -7.74 2.09
N GLN A 53 -21.30 -6.76 1.24
CA GLN A 53 -22.38 -6.18 0.43
C GLN A 53 -21.76 -5.58 -0.81
N VAL A 54 -22.54 -5.46 -1.87
CA VAL A 54 -22.18 -4.67 -3.06
C VAL A 54 -22.99 -3.39 -3.07
N LEU A 55 -22.28 -2.29 -3.18
CA LEU A 55 -22.88 -0.94 -3.19
C LEU A 55 -22.49 -0.20 -4.44
N ASN A 56 -23.16 0.92 -4.64
CA ASN A 56 -22.83 1.82 -5.78
C ASN A 56 -22.28 3.12 -5.23
N SER A 57 -21.18 3.64 -5.74
CA SER A 57 -20.56 4.86 -5.20
C SER A 57 -21.35 6.13 -5.51
N GLY A 58 -22.33 6.05 -6.43
CA GLY A 58 -23.19 7.20 -6.82
C GLY A 58 -22.43 8.40 -7.34
N SER A 59 -23.10 9.54 -7.42
CA SER A 59 -22.62 10.72 -8.19
C SER A 59 -21.33 11.34 -7.62
N SER A 60 -21.08 11.24 -6.31
CA SER A 60 -19.91 11.93 -5.70
C SER A 60 -18.73 10.98 -5.62
N GLY A 61 -19.04 9.68 -5.56
CA GLY A 61 -17.98 8.71 -5.32
C GLY A 61 -17.49 8.68 -3.88
N LYS A 62 -18.06 9.43 -2.98
CA LYS A 62 -17.58 9.53 -1.58
C LYS A 62 -18.10 8.33 -0.77
N VAL A 63 -17.18 7.56 -0.22
CA VAL A 63 -17.49 6.41 0.66
C VAL A 63 -16.83 6.62 2.00
N GLN A 64 -17.59 6.51 3.07
CA GLN A 64 -17.04 6.70 4.43
C GLN A 64 -17.40 5.52 5.32
N VAL A 65 -16.43 5.04 6.07
CA VAL A 65 -16.63 3.94 7.05
C VAL A 65 -16.57 4.53 8.43
N GLN A 66 -17.52 4.17 9.27
CA GLN A 66 -17.50 4.52 10.70
C GLN A 66 -17.72 3.23 11.51
N VAL A 67 -17.09 3.15 12.66
CA VAL A 67 -17.21 1.96 13.53
C VAL A 67 -17.53 2.41 14.94
N SER A 68 -18.49 1.76 15.58
CA SER A 68 -18.78 2.02 17.00
C SER A 68 -18.88 0.70 17.75
N VAL A 69 -18.52 0.78 19.00
CA VAL A 69 -18.58 -0.30 19.99
C VAL A 69 -19.02 0.36 21.28
N ASN A 70 -19.82 -0.32 22.06
CA ASN A 70 -20.20 0.19 23.41
C ASN A 70 -20.91 1.56 23.23
N GLY A 71 -21.58 1.82 22.08
CA GLY A 71 -22.04 3.15 21.56
C GLY A 71 -20.95 4.21 21.50
N ARG A 72 -19.67 3.85 21.55
CA ARG A 72 -18.52 4.77 21.43
C ARG A 72 -17.87 4.64 20.06
N PRO A 73 -17.55 5.74 19.36
CA PRO A 73 -16.81 5.70 18.09
C PRO A 73 -15.41 5.12 18.29
N SER A 74 -15.01 4.21 17.40
CA SER A 74 -13.66 3.63 17.41
C SER A 74 -12.74 4.54 16.62
N ASP A 75 -11.47 4.49 16.96
CA ASP A 75 -10.42 5.22 16.25
C ASP A 75 -10.06 4.45 15.00
N LEU A 76 -9.96 5.18 13.89
CA LEU A 76 -9.73 4.53 12.58
C LEU A 76 -8.35 4.80 12.03
N VAL A 77 -7.89 3.81 11.28
CA VAL A 77 -6.68 3.95 10.43
C VAL A 77 -7.01 3.40 9.03
N SER A 78 -6.49 4.02 7.99
CA SER A 78 -6.90 3.62 6.63
C SER A 78 -5.86 3.96 5.59
N ALA A 79 -5.99 3.35 4.44
CA ALA A 79 -5.20 3.74 3.24
C ALA A 79 -5.85 3.07 2.02
N GLN A 80 -5.44 3.52 0.82
CA GLN A 80 -5.90 2.89 -0.42
C GLN A 80 -4.66 2.36 -1.17
N VAL A 81 -4.79 1.18 -1.77
CA VAL A 81 -3.67 0.63 -2.57
C VAL A 81 -4.23 0.24 -3.93
N ILE A 82 -3.47 0.46 -4.98
CA ILE A 82 -3.84 0.11 -6.39
C ILE A 82 -2.76 -0.82 -6.93
N LEU A 83 -3.17 -1.98 -7.38
CA LEU A 83 -2.28 -2.98 -8.01
C LEU A 83 -2.48 -2.98 -9.53
N THR A 84 -1.38 -3.10 -10.27
CA THR A 84 -1.30 -3.09 -11.74
C THR A 84 -2.12 -1.95 -12.33
N ASN A 85 -2.17 -0.80 -11.63
CA ASN A 85 -2.83 0.40 -12.16
C ASN A 85 -4.32 0.16 -12.44
N GLU A 86 -4.94 -0.77 -11.74
CA GLU A 86 -6.32 -1.23 -12.07
C GLU A 86 -7.12 -1.72 -10.87
N LEU A 87 -6.51 -2.50 -10.00
CA LEU A 87 -7.23 -3.20 -8.93
C LEU A 87 -7.10 -2.39 -7.66
N ASN A 88 -8.20 -1.97 -7.07
CA ASN A 88 -8.22 -1.02 -5.97
C ASN A 88 -8.71 -1.65 -4.67
N PHE A 89 -8.03 -1.35 -3.61
CA PHE A 89 -8.48 -1.72 -2.26
C PHE A 89 -8.45 -0.45 -1.40
N ALA A 90 -9.51 -0.24 -0.64
CA ALA A 90 -9.55 0.75 0.44
C ALA A 90 -9.65 -0.05 1.74
N LEU A 91 -8.73 0.22 2.65
CA LEU A 91 -8.52 -0.60 3.85
C LEU A 91 -8.72 0.25 5.10
N VAL A 92 -9.46 -0.33 6.05
CA VAL A 92 -9.74 0.34 7.32
C VAL A 92 -9.48 -0.60 8.47
N GLY A 93 -8.74 -0.12 9.48
CA GLY A 93 -8.76 -0.81 10.76
C GLY A 93 -9.30 0.12 11.84
N SER A 94 -9.70 -0.46 12.92
CA SER A 94 -10.31 0.32 14.01
C SER A 94 -9.93 -0.25 15.37
N GLU A 95 -9.86 0.67 16.34
CA GLU A 95 -9.47 0.30 17.71
C GLU A 95 -10.56 0.73 18.68
N ASP A 96 -11.08 -0.20 19.42
CA ASP A 96 -12.18 0.02 20.38
C ASP A 96 -11.67 0.06 21.82
N GLY A 97 -10.39 -0.06 22.07
CA GLY A 97 -9.85 -0.39 23.40
C GLY A 97 -8.55 0.34 23.64
N THR A 98 -7.65 -0.36 24.30
CA THR A 98 -6.34 0.15 24.78
C THR A 98 -5.14 -0.59 24.19
N ASP A 99 -5.28 -1.74 23.55
CA ASP A 99 -4.13 -2.57 23.13
C ASP A 99 -3.58 -2.09 21.76
N ASN A 100 -4.34 -1.30 21.02
CA ASN A 100 -3.90 -0.71 19.74
C ASN A 100 -3.51 -1.81 18.75
N ASP A 101 -4.27 -2.88 18.69
CA ASP A 101 -4.10 -3.87 17.62
C ASP A 101 -4.83 -3.39 16.33
N TYR A 102 -5.77 -2.46 16.41
CA TYR A 102 -6.47 -1.84 15.26
C TYR A 102 -7.13 -2.90 14.35
N ASN A 103 -7.49 -4.05 14.87
CA ASN A 103 -8.15 -5.12 14.09
C ASN A 103 -9.55 -5.40 14.63
N ASP A 104 -10.07 -4.51 15.48
CA ASP A 104 -11.27 -4.89 16.24
C ASP A 104 -12.44 -4.96 15.28
N ALA A 105 -12.52 -4.00 14.36
CA ALA A 105 -13.26 -4.16 13.10
C ALA A 105 -12.31 -3.80 11.98
N VAL A 106 -12.22 -4.66 10.99
CA VAL A 106 -11.42 -4.47 9.77
C VAL A 106 -12.40 -4.40 8.61
N VAL A 107 -12.22 -3.41 7.75
CA VAL A 107 -13.14 -3.22 6.61
C VAL A 107 -12.29 -3.17 5.33
N VAL A 108 -12.72 -3.93 4.34
CA VAL A 108 -12.02 -3.95 3.04
C VAL A 108 -13.03 -3.57 1.97
N ILE A 109 -12.69 -2.58 1.17
CA ILE A 109 -13.49 -2.10 0.02
C ILE A 109 -12.70 -2.45 -1.23
N ASN A 110 -13.36 -3.09 -2.20
CA ASN A 110 -12.62 -3.46 -3.43
C ASN A 110 -13.41 -3.08 -4.68
N TRP A 111 -12.67 -2.67 -5.70
CA TRP A 111 -13.30 -2.37 -6.99
C TRP A 111 -12.20 -2.44 -8.02
N PRO A 112 -12.51 -2.66 -9.31
CA PRO A 112 -13.86 -2.88 -9.82
C PRO A 112 -14.35 -4.29 -9.54
N LEU A 113 -15.67 -4.47 -9.73
CA LEU A 113 -16.31 -5.80 -9.65
C LEU A 113 -16.63 -6.34 -11.05
N GLY A 114 -17.18 -7.55 -11.12
CA GLY A 114 -17.62 -8.16 -12.40
C GLY A 114 -16.54 -8.85 -13.20
N ALA B 1 8.24 -10.47 -11.49
CA ALA B 1 8.53 -10.70 -10.04
C ALA B 1 7.53 -11.73 -9.50
N THR B 2 7.96 -12.55 -8.54
CA THR B 2 7.04 -13.49 -7.87
C THR B 2 5.93 -12.64 -7.25
N GLN B 3 4.70 -13.16 -7.32
CA GLN B 3 3.52 -12.53 -6.69
C GLN B 3 2.76 -13.61 -5.90
N GLY B 4 2.00 -13.19 -4.92
CA GLY B 4 1.20 -14.07 -4.07
C GLY B 4 1.99 -14.83 -3.01
N VAL B 5 3.23 -14.42 -2.73
CA VAL B 5 4.03 -15.06 -1.67
C VAL B 5 4.30 -14.03 -0.61
N PHE B 6 4.02 -14.38 0.64
CA PHE B 6 4.16 -13.42 1.76
C PHE B 6 4.86 -14.08 2.94
N THR B 7 5.79 -13.36 3.56
CA THR B 7 6.41 -13.85 4.81
C THR B 7 5.65 -13.24 5.97
N LEU B 8 4.88 -14.05 6.67
CA LEU B 8 4.23 -13.60 7.91
C LEU B 8 5.18 -13.87 9.07
N PRO B 9 4.93 -13.29 10.25
CA PRO B 9 5.60 -13.74 11.47
C PRO B 9 5.30 -15.24 11.64
N ALA B 10 6.27 -15.98 12.16
CA ALA B 10 6.10 -17.43 12.36
C ALA B 10 4.94 -17.73 13.32
N ASN B 11 4.31 -18.85 13.09
CA ASN B 11 3.39 -19.51 14.06
C ASN B 11 2.23 -18.60 14.38
N THR B 12 1.80 -17.77 13.42
CA THR B 12 0.81 -16.71 13.64
C THR B 12 -0.49 -17.08 12.91
N ARG B 13 -1.61 -16.96 13.60
CA ARG B 13 -2.91 -17.16 12.94
C ARG B 13 -3.21 -15.96 12.03
N PHE B 14 -3.76 -16.21 10.87
CA PHE B 14 -4.14 -15.18 9.89
C PHE B 14 -5.46 -15.60 9.24
N GLY B 15 -6.16 -14.57 8.80
CA GLY B 15 -7.40 -14.79 8.04
C GLY B 15 -7.10 -14.80 6.59
N VAL B 16 -7.81 -15.61 5.83
CA VAL B 16 -7.75 -15.57 4.36
C VAL B 16 -9.20 -15.62 3.86
N THR B 17 -9.52 -14.71 2.96
CA THR B 17 -10.89 -14.53 2.43
C THR B 17 -10.76 -14.37 0.91
N ALA B 18 -11.58 -15.07 0.12
CA ALA B 18 -11.51 -15.03 -1.35
C ALA B 18 -12.84 -14.58 -1.93
N PHE B 19 -12.77 -13.72 -2.93
CA PHE B 19 -13.97 -13.20 -3.62
C PHE B 19 -13.83 -13.54 -5.11
N ALA B 20 -14.94 -13.70 -5.79
CA ALA B 20 -14.92 -14.01 -7.24
C ALA B 20 -15.60 -12.93 -8.06
N ASN B 21 -15.03 -12.66 -9.21
CA ASN B 21 -15.56 -11.70 -10.21
C ASN B 21 -15.23 -12.17 -11.62
N SER B 22 -15.86 -13.25 -12.06
CA SER B 22 -15.51 -13.88 -13.35
C SER B 22 -16.57 -14.90 -13.74
N SER B 23 -16.75 -15.09 -15.04
N SER B 23 -16.74 -15.11 -15.05
CA SER B 23 -17.54 -16.25 -15.53
CA SER B 23 -17.54 -16.25 -15.55
C SER B 23 -16.89 -17.57 -15.11
C SER B 23 -16.90 -17.57 -15.09
N GLY B 24 -15.57 -17.63 -14.92
CA GLY B 24 -14.91 -18.92 -14.70
C GLY B 24 -14.99 -19.36 -13.26
N THR B 25 -15.14 -20.64 -13.00
CA THR B 25 -15.16 -21.14 -11.61
C THR B 25 -13.73 -21.00 -11.09
N GLN B 26 -13.56 -20.34 -9.96
CA GLN B 26 -12.19 -20.09 -9.41
C GLN B 26 -11.82 -21.17 -8.41
N THR B 27 -10.55 -21.54 -8.45
CA THR B 27 -9.94 -22.46 -7.48
C THR B 27 -8.82 -21.70 -6.81
N VAL B 28 -8.96 -21.43 -5.52
CA VAL B 28 -7.93 -20.70 -4.76
C VAL B 28 -7.28 -21.69 -3.81
N ASN B 29 -5.95 -21.82 -3.89
N ASN B 29 -5.96 -21.80 -3.91
CA ASN B 29 -5.18 -22.70 -2.99
CA ASN B 29 -5.16 -22.67 -3.03
C ASN B 29 -4.29 -21.81 -2.12
C ASN B 29 -4.30 -21.78 -2.13
N VAL B 30 -4.27 -22.07 -0.85
CA VAL B 30 -3.43 -21.32 0.11
C VAL B 30 -2.43 -22.32 0.67
N LEU B 31 -1.15 -22.08 0.42
CA LEU B 31 -0.10 -23.00 0.90
C LEU B 31 0.59 -22.39 2.12
N VAL B 32 0.84 -23.24 3.10
CA VAL B 32 1.69 -22.98 4.29
C VAL B 32 2.62 -24.20 4.40
N ASN B 33 3.79 -24.01 4.93
CA ASN B 33 4.75 -25.13 5.06
C ASN B 33 4.91 -25.73 3.62
N ASN B 34 4.80 -24.90 2.55
CA ASN B 34 4.81 -25.25 1.09
C ASN B 34 3.84 -26.42 0.74
N GLU B 35 2.77 -26.59 1.51
CA GLU B 35 1.73 -27.63 1.32
C GLU B 35 0.40 -26.89 1.30
N THR B 36 -0.57 -27.39 0.57
CA THR B 36 -1.91 -26.80 0.52
C THR B 36 -2.52 -26.87 1.92
N ALA B 37 -3.00 -25.76 2.46
CA ALA B 37 -3.59 -25.71 3.81
C ALA B 37 -5.09 -25.46 3.67
N ALA B 38 -5.50 -24.81 2.59
CA ALA B 38 -6.92 -24.51 2.34
C ALA B 38 -7.11 -24.38 0.84
N THR B 39 -8.27 -24.81 0.36
CA THR B 39 -8.73 -24.65 -1.04
C THR B 39 -10.16 -24.13 -1.01
N PHE B 40 -10.37 -23.06 -1.74
CA PHE B 40 -11.71 -22.51 -1.95
C PHE B 40 -12.05 -22.62 -3.41
N SER B 41 -13.33 -22.86 -3.67
N SER B 41 -13.33 -22.89 -3.69
CA SER B 41 -13.82 -22.99 -5.06
CA SER B 41 -13.83 -23.00 -5.08
C SER B 41 -15.19 -22.32 -5.17
C SER B 41 -15.20 -22.34 -5.17
N GLY B 42 -15.42 -21.56 -6.21
CA GLY B 42 -16.72 -21.00 -6.44
C GLY B 42 -16.75 -20.10 -7.63
N GLN B 43 -17.93 -19.58 -7.89
CA GLN B 43 -18.16 -18.73 -9.05
C GLN B 43 -19.08 -17.57 -8.70
N SER B 44 -18.72 -16.39 -9.18
CA SER B 44 -19.55 -15.19 -8.99
C SER B 44 -19.06 -14.14 -9.96
N THR B 45 -19.97 -13.27 -10.43
CA THR B 45 -19.61 -11.99 -11.08
C THR B 45 -20.00 -10.81 -10.20
N ASN B 46 -20.33 -11.06 -8.94
CA ASN B 46 -20.86 -10.04 -7.99
C ASN B 46 -20.05 -10.05 -6.69
N ASN B 47 -18.78 -10.42 -6.78
CA ASN B 47 -17.85 -10.31 -5.63
C ASN B 47 -18.30 -11.20 -4.48
N ALA B 48 -18.90 -12.36 -4.76
CA ALA B 48 -19.31 -13.23 -3.65
C ALA B 48 -18.10 -13.79 -2.96
N VAL B 49 -18.24 -13.95 -1.64
CA VAL B 49 -17.20 -14.67 -0.86
C VAL B 49 -17.25 -16.15 -1.21
N ILE B 50 -16.19 -16.69 -1.73
CA ILE B 50 -16.11 -18.11 -2.10
C ILE B 50 -15.39 -18.90 -1.03
N GLY B 51 -14.83 -18.23 -0.02
CA GLY B 51 -14.21 -18.98 1.07
C GLY B 51 -13.62 -18.02 2.09
N THR B 52 -13.62 -18.42 3.35
CA THR B 52 -12.94 -17.67 4.43
C THR B 52 -12.47 -18.70 5.46
N GLN B 53 -11.27 -18.55 5.96
CA GLN B 53 -10.68 -19.52 6.86
C GLN B 53 -9.62 -18.80 7.68
N VAL B 54 -9.27 -19.40 8.81
CA VAL B 54 -8.13 -18.94 9.63
C VAL B 54 -7.11 -20.07 9.59
N LEU B 55 -5.88 -19.69 9.25
CA LEU B 55 -4.77 -20.67 9.13
C LEU B 55 -3.63 -20.20 10.04
N ASN B 56 -2.63 -21.04 10.15
CA ASN B 56 -1.44 -20.79 10.96
C ASN B 56 -0.25 -20.70 9.99
N SER B 57 0.58 -19.66 10.10
CA SER B 57 1.69 -19.46 9.15
C SER B 57 2.87 -20.43 9.34
N GLY B 58 2.90 -21.14 10.43
CA GLY B 58 3.87 -22.22 10.60
C GLY B 58 5.26 -21.69 10.94
N SER B 59 6.21 -22.62 11.01
N SER B 59 6.22 -22.62 10.99
CA SER B 59 7.58 -22.31 11.48
CA SER B 59 7.59 -22.30 11.46
C SER B 59 8.27 -21.34 10.53
C SER B 59 8.27 -21.32 10.53
N SER B 60 8.00 -21.40 9.23
CA SER B 60 8.68 -20.53 8.23
C SER B 60 7.98 -19.19 8.12
N GLY B 61 6.68 -19.17 8.38
CA GLY B 61 5.84 -17.99 8.07
C GLY B 61 5.55 -17.80 6.61
N LYS B 62 5.93 -18.70 5.71
CA LYS B 62 5.75 -18.47 4.28
C LYS B 62 4.35 -18.88 3.88
N VAL B 63 3.57 -17.95 3.36
CA VAL B 63 2.20 -18.20 2.84
C VAL B 63 2.18 -17.90 1.35
N GLN B 64 1.58 -18.78 0.57
CA GLN B 64 1.55 -18.59 -0.89
C GLN B 64 0.10 -18.80 -1.34
N VAL B 65 -0.37 -17.90 -2.18
CA VAL B 65 -1.73 -17.98 -2.79
C VAL B 65 -1.51 -18.41 -4.24
N GLN B 66 -2.25 -19.40 -4.72
CA GLN B 66 -2.29 -19.75 -6.16
C GLN B 66 -3.75 -19.78 -6.59
N VAL B 67 -3.99 -19.31 -7.81
CA VAL B 67 -5.37 -19.35 -8.33
C VAL B 67 -5.35 -20.05 -9.67
N SER B 68 -6.35 -20.87 -9.94
N SER B 68 -6.36 -20.87 -9.94
CA SER B 68 -6.50 -21.55 -11.25
CA SER B 68 -6.51 -21.52 -11.25
C SER B 68 -7.96 -21.57 -11.64
C SER B 68 -7.97 -21.54 -11.65
N VAL B 69 -8.20 -21.63 -12.95
CA VAL B 69 -9.54 -21.79 -13.53
C VAL B 69 -9.42 -22.96 -14.52
N ASN B 70 -10.19 -24.01 -14.26
CA ASN B 70 -10.19 -25.25 -15.08
C ASN B 70 -8.75 -25.68 -15.34
N GLY B 71 -7.94 -25.71 -14.29
CA GLY B 71 -6.57 -26.24 -14.32
C GLY B 71 -5.57 -25.30 -14.97
N ARG B 72 -5.96 -24.11 -15.39
CA ARG B 72 -4.99 -23.13 -15.94
C ARG B 72 -4.66 -22.14 -14.83
N PRO B 73 -3.38 -21.96 -14.50
CA PRO B 73 -3.00 -20.96 -13.50
C PRO B 73 -3.31 -19.55 -14.00
N SER B 74 -3.83 -18.77 -13.09
CA SER B 74 -4.12 -17.33 -13.32
C SER B 74 -2.88 -16.52 -13.00
N ASP B 75 -2.73 -15.40 -13.68
CA ASP B 75 -1.64 -14.45 -13.44
C ASP B 75 -1.96 -13.63 -12.19
N LEU B 76 -1.02 -13.53 -11.29
CA LEU B 76 -1.27 -12.84 -10.00
C LEU B 76 -0.65 -11.46 -9.92
N VAL B 77 -1.27 -10.61 -9.10
N VAL B 77 -1.28 -10.59 -9.11
CA VAL B 77 -0.66 -9.33 -8.67
CA VAL B 77 -0.70 -9.29 -8.68
C VAL B 77 -0.88 -9.21 -7.16
C VAL B 77 -0.86 -9.22 -7.17
N SER B 78 0.12 -8.68 -6.45
CA SER B 78 -0.01 -8.71 -4.96
C SER B 78 0.80 -7.58 -4.36
N ALA B 79 0.50 -7.27 -3.11
CA ALA B 79 1.35 -6.41 -2.29
C ALA B 79 0.93 -6.58 -0.84
N GLN B 80 1.76 -6.10 0.10
CA GLN B 80 1.44 -6.09 1.52
C GLN B 80 1.40 -4.62 1.98
N VAL B 81 0.46 -4.31 2.84
N VAL B 81 0.43 -4.27 2.81
CA VAL B 81 0.31 -2.95 3.42
CA VAL B 81 0.31 -2.90 3.38
C VAL B 81 0.24 -3.11 4.93
C VAL B 81 0.18 -3.04 4.89
N ILE B 82 0.92 -2.21 5.63
CA ILE B 82 0.85 -2.17 7.10
C ILE B 82 0.32 -0.79 7.50
N LEU B 83 -0.73 -0.82 8.31
CA LEU B 83 -1.28 0.44 8.90
C LEU B 83 -0.93 0.56 10.38
N THR B 84 -0.59 1.79 10.80
CA THR B 84 -0.15 2.14 12.19
C THR B 84 0.84 1.13 12.75
N ASN B 85 1.71 0.60 11.89
CA ASN B 85 2.79 -0.29 12.33
C ASN B 85 2.28 -1.53 13.02
N GLU B 86 1.04 -1.93 12.76
CA GLU B 86 0.39 -3.05 13.52
C GLU B 86 -0.54 -3.93 12.67
N LEU B 87 -1.32 -3.34 11.82
CA LEU B 87 -2.37 -4.05 11.09
C LEU B 87 -1.88 -4.39 9.69
N ASN B 88 -1.84 -5.66 9.34
CA ASN B 88 -1.21 -6.08 8.11
C ASN B 88 -2.24 -6.66 7.14
N PHE B 89 -2.09 -6.31 5.88
CA PHE B 89 -2.93 -6.87 4.80
C PHE B 89 -1.99 -7.41 3.75
N ALA B 90 -2.26 -8.62 3.29
CA ALA B 90 -1.60 -9.14 2.08
C ALA B 90 -2.73 -9.32 1.06
N LEU B 91 -2.54 -8.71 -0.11
CA LEU B 91 -3.63 -8.52 -1.09
C LEU B 91 -3.22 -9.21 -2.38
N VAL B 92 -4.14 -9.94 -2.99
CA VAL B 92 -3.87 -10.67 -4.24
C VAL B 92 -5.02 -10.45 -5.18
N GLY B 93 -4.68 -10.07 -6.40
CA GLY B 93 -5.66 -10.14 -7.48
C GLY B 93 -5.18 -11.14 -8.51
N SER B 94 -6.07 -11.60 -9.35
CA SER B 94 -5.71 -12.67 -10.32
C SER B 94 -6.47 -12.40 -11.61
N GLU B 95 -5.86 -12.78 -12.74
CA GLU B 95 -6.47 -12.59 -14.07
C GLU B 95 -6.56 -13.94 -14.77
N ASP B 96 -7.77 -14.36 -15.12
CA ASP B 96 -7.98 -15.65 -15.80
C ASP B 96 -8.31 -15.49 -17.30
N GLY B 97 -8.30 -14.27 -17.82
CA GLY B 97 -8.80 -13.95 -19.18
C GLY B 97 -7.94 -12.96 -19.86
N THR B 98 -8.55 -12.00 -20.52
CA THR B 98 -7.85 -11.09 -21.46
C THR B 98 -8.12 -9.63 -21.13
N ASP B 99 -9.10 -9.31 -20.27
CA ASP B 99 -9.49 -7.92 -19.98
C ASP B 99 -8.55 -7.23 -18.96
N ASN B 100 -7.73 -7.98 -18.26
CA ASN B 100 -6.76 -7.46 -17.28
C ASN B 100 -7.45 -6.61 -16.21
N ASP B 101 -8.60 -7.07 -15.74
CA ASP B 101 -9.22 -6.43 -14.55
C ASP B 101 -8.59 -6.97 -13.26
N TYR B 102 -7.93 -8.12 -13.28
CA TYR B 102 -7.19 -8.71 -12.13
C TYR B 102 -8.09 -8.85 -10.89
N ASN B 103 -9.39 -8.97 -11.08
CA ASN B 103 -10.35 -9.14 -9.96
C ASN B 103 -11.02 -10.52 -9.99
N ASP B 104 -10.57 -11.46 -10.86
CA ASP B 104 -11.37 -12.66 -11.17
C ASP B 104 -11.47 -13.52 -9.90
N ALA B 105 -10.37 -13.65 -9.20
CA ALA B 105 -10.37 -14.04 -7.76
C ALA B 105 -9.57 -12.99 -7.04
N VAL B 106 -10.10 -12.44 -5.97
CA VAL B 106 -9.38 -11.50 -5.10
C VAL B 106 -9.24 -12.20 -3.75
N VAL B 107 -8.03 -12.14 -3.21
CA VAL B 107 -7.77 -12.80 -1.93
C VAL B 107 -7.18 -11.75 -0.99
N VAL B 108 -7.75 -11.67 0.20
CA VAL B 108 -7.33 -10.74 1.26
C VAL B 108 -6.85 -11.63 2.41
N ILE B 109 -5.61 -11.39 2.84
CA ILE B 109 -5.02 -12.03 4.03
C ILE B 109 -4.86 -10.93 5.06
N ASN B 110 -5.26 -11.16 6.30
CA ASN B 110 -5.05 -10.12 7.33
C ASN B 110 -4.56 -10.78 8.63
N TRP B 111 -3.71 -10.04 9.33
CA TRP B 111 -3.22 -10.44 10.66
C TRP B 111 -2.77 -9.17 11.37
N PRO B 112 -2.57 -9.20 12.69
CA PRO B 112 -2.97 -10.31 13.55
C PRO B 112 -4.47 -10.36 13.81
N LEU B 113 -4.89 -11.48 14.38
CA LEU B 113 -6.33 -11.71 14.71
C LEU B 113 -6.48 -11.55 16.21
N GLY B 114 -7.70 -11.70 16.68
CA GLY B 114 -7.95 -11.75 18.14
C GLY B 114 -8.27 -10.37 18.73
N ALA C 1 -4.71 7.30 15.42
CA ALA C 1 -3.68 6.30 15.59
C ALA C 1 -2.32 6.98 15.50
N THR C 2 -1.33 6.34 16.10
CA THR C 2 0.07 6.78 15.98
C THR C 2 0.45 6.65 14.50
N GLN C 3 1.18 7.66 14.02
CA GLN C 3 1.67 7.67 12.66
C GLN C 3 3.16 8.01 12.72
N GLY C 4 3.87 7.58 11.69
CA GLY C 4 5.32 7.91 11.55
C GLY C 4 6.22 7.02 12.36
N VAL C 5 5.74 5.93 12.92
CA VAL C 5 6.55 4.95 13.66
C VAL C 5 6.55 3.63 12.93
N PHE C 6 7.72 3.07 12.70
CA PHE C 6 7.88 1.88 11.88
C PHE C 6 8.82 0.90 12.59
N THR C 7 8.53 -0.39 12.56
CA THR C 7 9.47 -1.41 13.03
C THR C 7 10.20 -1.97 11.82
N LEU C 8 11.49 -1.68 11.73
CA LEU C 8 12.34 -2.26 10.69
C LEU C 8 13.01 -3.52 11.24
N PRO C 9 13.52 -4.37 10.35
CA PRO C 9 14.40 -5.45 10.79
C PRO C 9 15.57 -4.78 11.54
N ALA C 10 16.02 -5.42 12.63
CA ALA C 10 17.12 -4.91 13.46
C ALA C 10 18.43 -4.86 12.71
N ASN C 11 19.23 -3.91 13.10
CA ASN C 11 20.64 -3.79 12.66
C ASN C 11 20.75 -3.74 11.14
N THR C 12 19.81 -3.03 10.49
CA THR C 12 19.70 -2.99 9.03
C THR C 12 19.89 -1.53 8.58
N ARG C 13 20.62 -1.35 7.50
CA ARG C 13 20.73 -0.01 6.88
C ARG C 13 19.43 0.29 6.16
N PHE C 14 19.04 1.55 6.22
CA PHE C 14 17.85 2.04 5.49
C PHE C 14 18.16 3.45 5.00
N GLY C 15 17.45 3.84 3.98
CA GLY C 15 17.54 5.16 3.38
C GLY C 15 16.40 6.00 3.88
N VAL C 16 16.64 7.26 4.13
CA VAL C 16 15.59 8.23 4.48
C VAL C 16 15.80 9.47 3.64
N THR C 17 14.75 9.95 2.98
CA THR C 17 14.79 11.12 2.08
C THR C 17 13.57 11.98 2.37
N ALA C 18 13.76 13.29 2.46
CA ALA C 18 12.67 14.23 2.72
C ALA C 18 12.55 15.26 1.62
N PHE C 19 11.30 15.54 1.27
CA PHE C 19 10.91 16.52 0.24
C PHE C 19 10.03 17.60 0.87
N ALA C 20 10.09 18.81 0.36
CA ALA C 20 9.27 19.92 0.89
C ALA C 20 8.36 20.51 -0.17
N ASN C 21 7.14 20.79 0.29
CA ASN C 21 6.08 21.42 -0.54
C ASN C 21 5.27 22.38 0.32
N SER C 22 5.91 23.49 0.67
CA SER C 22 5.28 24.46 1.60
C SER C 22 6.01 25.78 1.63
N SER C 23 5.29 26.84 1.96
CA SER C 23 5.93 28.15 2.19
C SER C 23 6.81 28.11 3.44
N GLY C 24 6.53 27.21 4.39
CA GLY C 24 7.24 27.20 5.67
C GLY C 24 8.47 26.33 5.62
N THR C 25 9.48 26.65 6.40
CA THR C 25 10.69 25.81 6.51
C THR C 25 10.34 24.52 7.29
N GLN C 26 10.60 23.38 6.69
CA GLN C 26 10.27 22.08 7.32
C GLN C 26 11.48 21.62 8.10
N THR C 27 11.24 21.02 9.25
CA THR C 27 12.26 20.36 10.07
C THR C 27 11.79 18.92 10.31
N VAL C 28 12.52 17.98 9.76
CA VAL C 28 12.26 16.54 9.87
C VAL C 28 13.24 15.92 10.84
N ASN C 29 12.76 15.27 11.88
CA ASN C 29 13.65 14.47 12.75
C ASN C 29 13.40 12.97 12.49
N VAL C 30 14.47 12.22 12.39
CA VAL C 30 14.42 10.75 12.28
C VAL C 30 15.03 10.20 13.55
N LEU C 31 14.23 9.50 14.32
CA LEU C 31 14.66 8.89 15.60
C LEU C 31 14.92 7.42 15.38
N VAL C 32 16.00 6.91 15.93
CA VAL C 32 16.24 5.44 15.99
C VAL C 32 16.39 5.14 17.46
N ASN C 33 15.62 4.15 17.95
CA ASN C 33 15.70 3.78 19.40
C ASN C 33 15.42 5.01 20.25
N ASN C 34 14.46 5.82 19.87
CA ASN C 34 13.98 6.97 20.66
C ASN C 34 15.05 8.02 20.81
N GLU C 35 16.07 8.08 19.96
CA GLU C 35 17.01 9.23 19.95
C GLU C 35 17.17 9.78 18.54
N THR C 36 17.21 11.09 18.37
CA THR C 36 17.38 11.75 17.07
C THR C 36 18.68 11.30 16.40
N ALA C 37 18.59 10.68 15.22
CA ALA C 37 19.76 10.21 14.46
C ALA C 37 20.06 11.09 13.23
N ALA C 38 19.06 11.80 12.70
CA ALA C 38 19.19 12.61 11.48
C ALA C 38 18.12 13.68 11.59
N THR C 39 18.46 14.86 11.09
CA THR C 39 17.56 15.99 11.06
C THR C 39 17.76 16.70 9.73
N PHE C 40 16.68 16.98 9.04
CA PHE C 40 16.71 17.68 7.74
C PHE C 40 15.89 18.94 7.87
N SER C 41 16.38 20.04 7.32
N SER C 41 16.40 20.05 7.35
CA SER C 41 15.66 21.33 7.36
CA SER C 41 15.65 21.33 7.37
C SER C 41 15.79 21.98 6.00
C SER C 41 15.79 21.97 6.00
N GLY C 42 14.71 22.51 5.48
CA GLY C 42 14.73 23.22 4.20
C GLY C 42 13.38 23.73 3.83
N GLN C 43 13.37 24.52 2.79
CA GLN C 43 12.13 25.11 2.30
C GLN C 43 12.10 24.90 0.78
N SER C 44 10.95 24.54 0.29
CA SER C 44 10.65 24.47 -1.16
C SER C 44 9.15 24.39 -1.36
N THR C 45 8.65 24.96 -2.45
CA THR C 45 7.29 24.70 -2.96
C THR C 45 7.33 23.86 -4.23
N ASN C 46 8.45 23.21 -4.53
N ASN C 46 8.47 23.23 -4.56
CA ASN C 46 8.63 22.42 -5.78
CA ASN C 46 8.61 22.44 -5.80
C ASN C 46 9.27 21.05 -5.50
C ASN C 46 9.24 21.07 -5.52
N ASN C 47 8.95 20.47 -4.36
CA ASN C 47 9.30 19.07 -4.08
C ASN C 47 10.81 18.90 -3.95
N ALA C 48 11.57 19.92 -3.60
CA ALA C 48 13.02 19.77 -3.48
C ALA C 48 13.36 18.79 -2.35
N VAL C 49 14.41 18.03 -2.58
CA VAL C 49 14.96 17.17 -1.51
C VAL C 49 15.64 18.05 -0.48
N ILE C 50 15.17 18.04 0.76
CA ILE C 50 15.76 18.84 1.87
C ILE C 50 16.69 17.98 2.72
N GLY C 51 16.77 16.69 2.44
CA GLY C 51 17.79 15.87 3.08
C GLY C 51 17.70 14.42 2.64
N THR C 52 18.80 13.69 2.69
CA THR C 52 18.85 12.24 2.38
C THR C 52 20.01 11.70 3.18
N GLN C 53 19.83 10.53 3.78
CA GLN C 53 20.87 9.96 4.64
C GLN C 53 20.65 8.45 4.68
N VAL C 54 21.69 7.70 4.98
CA VAL C 54 21.63 6.25 5.25
C VAL C 54 21.84 6.08 6.74
N LEU C 55 20.92 5.40 7.41
CA LEU C 55 20.97 5.14 8.85
C LEU C 55 20.94 3.63 9.08
N ASN C 56 21.21 3.25 10.30
CA ASN C 56 21.09 1.86 10.76
C ASN C 56 19.96 1.73 11.78
N SER C 57 19.08 0.75 11.64
CA SER C 57 17.90 0.56 12.50
C SER C 57 18.27 0.15 13.95
N GLY C 58 19.51 -0.32 14.15
CA GLY C 58 19.98 -0.69 15.50
C GLY C 58 19.29 -1.89 16.12
N SER C 59 19.51 -2.10 17.42
CA SER C 59 19.06 -3.36 18.08
C SER C 59 17.53 -3.46 18.13
N SER C 60 16.81 -2.34 18.20
CA SER C 60 15.32 -2.33 18.35
C SER C 60 14.60 -2.42 17.01
N GLY C 61 15.19 -1.84 15.97
CA GLY C 61 14.52 -1.64 14.67
C GLY C 61 13.50 -0.51 14.71
N LYS C 62 13.30 0.18 15.83
CA LYS C 62 12.24 1.20 15.93
C LYS C 62 12.69 2.52 15.30
N VAL C 63 11.96 3.01 14.29
CA VAL C 63 12.33 4.22 13.55
C VAL C 63 11.11 5.11 13.64
N GLN C 64 11.29 6.36 14.00
CA GLN C 64 10.18 7.32 14.11
C GLN C 64 10.56 8.59 13.35
N VAL C 65 9.60 9.10 12.62
CA VAL C 65 9.67 10.40 11.90
C VAL C 65 8.80 11.41 12.62
N GLN C 66 9.34 12.61 12.87
CA GLN C 66 8.57 13.76 13.39
C GLN C 66 8.85 14.93 12.47
N VAL C 67 7.87 15.78 12.29
CA VAL C 67 7.99 16.96 11.41
C VAL C 67 7.50 18.16 12.20
N SER C 68 8.23 19.24 12.14
CA SER C 68 7.77 20.51 12.74
C SER C 68 8.04 21.66 11.79
N VAL C 69 7.29 22.74 12.00
CA VAL C 69 7.49 24.02 11.27
C VAL C 69 7.46 25.17 12.28
N ASN C 70 8.53 25.94 12.40
CA ASN C 70 8.55 27.10 13.36
C ASN C 70 8.24 26.57 14.79
N GLY C 71 8.73 25.39 15.13
CA GLY C 71 8.52 24.76 16.44
C GLY C 71 7.12 24.16 16.65
N ARG C 72 6.22 24.19 15.66
CA ARG C 72 4.85 23.61 15.82
C ARG C 72 4.87 22.22 15.19
N PRO C 73 4.56 21.13 15.91
CA PRO C 73 4.49 19.80 15.29
C PRO C 73 3.41 19.76 14.19
N SER C 74 3.80 19.16 13.06
CA SER C 74 2.85 18.90 11.96
C SER C 74 2.05 17.64 12.22
N ASP C 75 0.86 17.56 11.66
CA ASP C 75 0.04 16.33 11.74
C ASP C 75 0.58 15.37 10.67
N LEU C 76 0.75 14.13 11.03
CA LEU C 76 1.30 13.10 10.13
C LEU C 76 0.28 12.10 9.63
N VAL C 77 0.61 11.54 8.49
N VAL C 77 0.54 11.59 8.43
CA VAL C 77 -0.07 10.37 7.92
CA VAL C 77 -0.12 10.37 7.86
C VAL C 77 1.00 9.41 7.42
C VAL C 77 0.98 9.43 7.39
N SER C 78 0.80 8.12 7.55
CA SER C 78 1.86 7.18 7.18
C SER C 78 1.31 5.83 6.84
N ALA C 79 2.13 5.06 6.16
CA ALA C 79 1.89 3.61 5.97
C ALA C 79 3.19 2.96 5.56
N GLN C 80 3.23 1.62 5.57
CA GLN C 80 4.32 0.83 4.98
C GLN C 80 3.72 -0.07 3.89
N VAL C 81 4.49 -0.23 2.84
N VAL C 81 4.47 -0.21 2.80
CA VAL C 81 4.12 -1.06 1.68
CA VAL C 81 4.08 -1.09 1.67
C VAL C 81 5.30 -1.99 1.40
C VAL C 81 5.27 -1.97 1.35
N ILE C 82 5.03 -3.25 1.10
CA ILE C 82 6.06 -4.26 0.76
C ILE C 82 5.76 -4.79 -0.64
N LEU C 83 6.67 -4.67 -1.57
CA LEU C 83 6.50 -5.18 -2.95
C LEU C 83 7.31 -6.47 -3.14
N THR C 84 6.74 -7.46 -3.82
CA THR C 84 7.33 -8.79 -4.08
C THR C 84 7.96 -9.39 -2.84
N ASN C 85 7.35 -9.15 -1.68
CA ASN C 85 7.79 -9.73 -0.41
C ASN C 85 9.24 -9.39 -0.10
N GLU C 86 9.77 -8.33 -0.69
CA GLU C 86 11.22 -8.01 -0.53
C GLU C 86 11.42 -6.49 -0.29
N LEU C 87 10.79 -5.64 -1.05
CA LEU C 87 11.14 -4.23 -1.12
C LEU C 87 10.18 -3.42 -0.24
N ASN C 88 10.72 -2.76 0.74
CA ASN C 88 9.95 -2.07 1.79
C ASN C 88 10.00 -0.56 1.65
N PHE C 89 8.87 0.04 1.79
CA PHE C 89 8.75 1.51 1.86
C PHE C 89 8.00 1.86 3.10
N ALA C 90 8.47 2.86 3.83
CA ALA C 90 7.67 3.50 4.88
C ALA C 90 7.51 4.94 4.41
N LEU C 91 6.28 5.38 4.37
CA LEU C 91 5.89 6.63 3.73
C LEU C 91 5.25 7.55 4.76
N VAL C 92 5.65 8.82 4.76
CA VAL C 92 5.05 9.80 5.68
C VAL C 92 4.70 11.05 4.93
N GLY C 93 3.52 11.57 5.19
CA GLY C 93 3.12 12.92 4.78
C GLY C 93 2.88 13.75 6.02
N SER C 94 2.86 15.03 5.83
CA SER C 94 2.68 15.95 6.97
C SER C 94 1.98 17.23 6.54
N GLU C 95 1.21 17.80 7.47
CA GLU C 95 0.37 18.98 7.20
C GLU C 95 0.73 20.07 8.19
N ASP C 96 1.15 21.22 7.71
CA ASP C 96 1.55 22.38 8.54
C ASP C 96 0.53 23.51 8.47
N GLY C 97 -0.57 23.36 7.74
CA GLY C 97 -1.51 24.45 7.43
C GLY C 97 -2.95 23.99 7.48
N THR C 98 -3.77 24.53 6.57
CA THR C 98 -5.23 24.31 6.57
C THR C 98 -5.70 23.57 5.31
N ASP C 99 -4.90 23.45 4.25
CA ASP C 99 -5.42 22.87 2.98
C ASP C 99 -5.46 21.33 3.01
N ASN C 100 -4.86 20.70 4.01
CA ASN C 100 -4.80 19.23 4.13
C ASN C 100 -4.28 18.55 2.85
N ASP C 101 -3.28 19.12 2.19
CA ASP C 101 -2.59 18.40 1.08
C ASP C 101 -1.61 17.35 1.68
N TYR C 102 -1.16 17.48 2.91
CA TYR C 102 -0.30 16.50 3.59
C TYR C 102 1.00 16.23 2.83
N ASN C 103 1.43 17.18 2.02
CA ASN C 103 2.73 17.08 1.30
C ASN C 103 3.74 18.07 1.81
N ASP C 104 3.50 18.74 2.94
CA ASP C 104 4.31 19.94 3.27
C ASP C 104 5.73 19.47 3.53
N ALA C 105 5.84 18.33 4.20
CA ALA C 105 7.08 17.53 4.19
C ALA C 105 6.67 16.12 3.88
N VAL C 106 7.33 15.49 2.92
CA VAL C 106 7.09 14.09 2.53
C VAL C 106 8.37 13.35 2.84
N VAL C 107 8.24 12.22 3.53
CA VAL C 107 9.43 11.43 3.94
C VAL C 107 9.29 10.01 3.44
N VAL C 108 10.28 9.53 2.73
CA VAL C 108 10.35 8.17 2.16
C VAL C 108 11.49 7.43 2.87
N ILE C 109 11.16 6.33 3.49
CA ILE C 109 12.11 5.38 4.07
C ILE C 109 12.12 4.12 3.20
N ASN C 110 13.31 3.67 2.81
CA ASN C 110 13.32 2.46 1.97
C ASN C 110 14.37 1.49 2.48
N TRP C 111 14.12 0.18 2.40
CA TRP C 111 15.08 -0.88 2.80
C TRP C 111 14.66 -2.14 2.09
N PRO C 112 15.54 -3.15 1.90
CA PRO C 112 16.96 -3.00 2.21
C PRO C 112 17.71 -2.18 1.19
N LEU C 113 18.92 -1.84 1.56
CA LEU C 113 19.91 -1.16 0.66
C LEU C 113 20.94 -2.14 0.16
N GLY C 114 21.83 -1.67 -0.71
CA GLY C 114 22.99 -2.50 -1.17
C GLY C 114 22.71 -3.39 -2.38
N ALA D 1 1.68 -9.49 -14.71
CA ALA D 1 0.92 -8.24 -14.88
C ALA D 1 1.88 -7.11 -15.23
N THR D 2 1.37 -6.12 -15.93
CA THR D 2 2.15 -4.93 -16.30
C THR D 2 2.52 -4.21 -15.00
N GLN D 3 3.77 -3.72 -14.95
CA GLN D 3 4.32 -2.99 -13.76
C GLN D 3 4.99 -1.71 -14.28
N GLY D 4 5.07 -0.72 -13.44
CA GLY D 4 5.77 0.55 -13.75
C GLY D 4 4.94 1.54 -14.59
N VAL D 5 3.65 1.32 -14.72
CA VAL D 5 2.73 2.19 -15.47
C VAL D 5 1.66 2.71 -14.54
N PHE D 6 1.47 4.04 -14.52
CA PHE D 6 0.55 4.67 -13.54
C PHE D 6 -0.33 5.68 -14.25
N THR D 7 -1.61 5.70 -13.90
CA THR D 7 -2.48 6.75 -14.39
C THR D 7 -2.59 7.82 -13.34
N LEU D 8 -1.96 8.96 -13.59
CA LEU D 8 -2.10 10.12 -12.70
C LEU D 8 -3.32 10.90 -13.16
N PRO D 9 -3.82 11.82 -12.31
CA PRO D 9 -4.77 12.82 -12.76
C PRO D 9 -4.11 13.54 -13.95
N ALA D 10 -4.92 13.96 -14.94
CA ALA D 10 -4.37 14.68 -16.10
C ALA D 10 -3.73 16.00 -15.68
N ASN D 11 -2.70 16.37 -16.43
CA ASN D 11 -2.13 17.72 -16.42
C ASN D 11 -1.67 18.08 -15.01
N THR D 12 -1.14 17.11 -14.27
CA THR D 12 -0.76 17.30 -12.86
C THR D 12 0.78 17.26 -12.74
N ARG D 13 1.34 18.15 -11.96
CA ARG D 13 2.79 18.10 -11.69
C ARG D 13 3.04 17.03 -10.64
N PHE D 14 4.10 16.28 -10.83
CA PHE D 14 4.50 15.23 -9.89
C PHE D 14 5.99 15.23 -9.78
N GLY D 15 6.47 14.70 -8.68
CA GLY D 15 7.89 14.45 -8.42
C GLY D 15 8.26 13.04 -8.79
N VAL D 16 9.44 12.88 -9.38
CA VAL D 16 9.97 11.54 -9.62
C VAL D 16 11.40 11.49 -9.08
N THR D 17 11.76 10.45 -8.31
CA THR D 17 13.08 10.36 -7.65
C THR D 17 13.53 8.93 -7.81
N ALA D 18 14.81 8.72 -8.15
CA ALA D 18 15.36 7.37 -8.38
C ALA D 18 16.54 7.14 -7.44
N PHE D 19 16.60 5.95 -6.89
CA PHE D 19 17.69 5.55 -5.98
C PHE D 19 18.38 4.30 -6.57
N ALA D 20 19.67 4.13 -6.30
CA ALA D 20 20.41 2.97 -6.86
C ALA D 20 20.99 2.12 -5.73
N ASN D 21 20.91 0.81 -5.88
CA ASN D 21 21.46 -0.17 -4.90
C ASN D 21 21.95 -1.41 -5.66
N SER D 22 23.07 -1.31 -6.34
CA SER D 22 23.55 -2.40 -7.22
C SER D 22 24.98 -2.13 -7.59
N SER D 23 25.67 -3.19 -8.01
CA SER D 23 27.03 -3.01 -8.59
C SER D 23 26.94 -2.41 -10.00
N GLY D 24 25.81 -2.51 -10.67
CA GLY D 24 25.71 -2.07 -12.07
C GLY D 24 25.23 -0.64 -12.15
N THR D 25 25.60 0.05 -13.20
CA THR D 25 25.05 1.38 -13.48
C THR D 25 23.59 1.24 -13.90
N GLN D 26 22.71 1.92 -13.16
CA GLN D 26 21.27 1.91 -13.43
C GLN D 26 20.95 3.01 -14.42
N THR D 27 20.15 2.74 -15.43
CA THR D 27 19.52 3.75 -16.30
C THR D 27 18.01 3.77 -16.04
N VAL D 28 17.51 4.92 -15.59
CA VAL D 28 16.05 5.12 -15.34
C VAL D 28 15.54 6.11 -16.37
N ASN D 29 14.48 5.69 -17.08
CA ASN D 29 13.76 6.58 -18.03
C ASN D 29 12.34 6.73 -17.52
N VAL D 30 11.86 7.98 -17.49
CA VAL D 30 10.47 8.28 -17.08
C VAL D 30 9.78 8.83 -18.33
N LEU D 31 8.68 8.20 -18.75
CA LEU D 31 7.93 8.61 -19.95
C LEU D 31 6.63 9.27 -19.55
N VAL D 32 6.31 10.39 -20.21
N VAL D 32 6.33 10.43 -20.16
CA VAL D 32 4.99 11.06 -20.16
CA VAL D 32 4.99 11.11 -20.14
C VAL D 32 4.63 11.32 -21.63
C VAL D 32 4.64 11.38 -21.62
N ASN D 33 3.36 11.43 -21.96
CA ASN D 33 2.96 11.60 -23.38
C ASN D 33 3.72 10.54 -24.22
N ASN D 34 4.00 9.36 -23.64
CA ASN D 34 4.68 8.18 -24.23
C ASN D 34 6.06 8.53 -24.80
N GLU D 35 6.72 9.54 -24.23
CA GLU D 35 8.03 10.02 -24.69
C GLU D 35 8.88 10.20 -23.44
N THR D 36 10.17 9.92 -23.52
CA THR D 36 11.04 10.13 -22.35
C THR D 36 11.04 11.60 -21.97
N ALA D 37 10.85 11.88 -20.69
CA ALA D 37 10.77 13.24 -20.15
C ALA D 37 11.84 13.43 -19.07
N ALA D 38 12.36 12.37 -18.46
CA ALA D 38 13.53 12.50 -17.57
C ALA D 38 14.33 11.21 -17.67
N THR D 39 15.64 11.35 -17.54
CA THR D 39 16.56 10.19 -17.54
C THR D 39 17.61 10.40 -16.47
N PHE D 40 17.89 9.34 -15.72
CA PHE D 40 18.87 9.37 -14.61
C PHE D 40 19.77 8.15 -14.73
N SER D 41 21.07 8.30 -14.51
CA SER D 41 21.99 7.13 -14.56
C SER D 41 22.96 7.17 -13.38
N GLY D 42 23.32 6.03 -12.82
CA GLY D 42 24.42 6.02 -11.86
C GLY D 42 24.54 4.73 -11.15
N GLN D 43 25.70 4.53 -10.56
CA GLN D 43 26.00 3.30 -9.80
C GLN D 43 26.17 3.69 -8.34
N SER D 44 25.52 2.96 -7.45
CA SER D 44 25.67 3.13 -6.00
C SER D 44 25.26 1.84 -5.32
N THR D 45 25.90 1.46 -4.23
CA THR D 45 25.33 0.47 -3.30
C THR D 45 24.91 1.13 -2.00
N ASN D 46 24.78 2.46 -2.01
CA ASN D 46 24.45 3.26 -0.81
C ASN D 46 23.21 4.12 -1.04
N ASN D 47 22.30 3.70 -1.87
CA ASN D 47 20.99 4.40 -2.02
C ASN D 47 21.18 5.82 -2.50
N ALA D 48 22.15 6.02 -3.35
CA ALA D 48 22.29 7.37 -3.97
C ALA D 48 20.99 7.75 -4.67
N VAL D 49 20.67 9.05 -4.62
CA VAL D 49 19.57 9.65 -5.39
C VAL D 49 20.13 9.97 -6.77
N ILE D 50 20.02 9.08 -7.71
CA ILE D 50 20.63 9.27 -9.05
C ILE D 50 19.88 10.30 -9.85
N GLY D 51 18.69 10.68 -9.43
CA GLY D 51 18.10 11.91 -9.98
C GLY D 51 16.74 12.20 -9.41
N THR D 52 16.33 13.45 -9.43
CA THR D 52 14.98 13.84 -8.98
C THR D 52 14.54 14.99 -9.88
N GLN D 53 13.29 14.98 -10.29
CA GLN D 53 12.76 15.99 -11.23
C GLN D 53 11.27 16.15 -11.05
N VAL D 54 10.74 17.32 -11.35
CA VAL D 54 9.27 17.55 -11.45
C VAL D 54 8.84 17.47 -12.90
N LEU D 55 7.80 16.71 -13.16
CA LEU D 55 7.24 16.51 -14.50
C LEU D 55 5.75 16.77 -14.46
N ASN D 56 5.17 16.84 -15.65
CA ASN D 56 3.73 17.07 -15.84
C ASN D 56 3.12 15.83 -16.50
N SER D 57 2.07 15.23 -15.91
CA SER D 57 1.47 13.97 -16.41
C SER D 57 0.77 14.15 -17.77
N GLY D 58 0.50 15.37 -18.21
CA GLY D 58 -0.04 15.60 -19.57
C GLY D 58 -1.49 15.20 -19.71
N SER D 59 -1.98 15.26 -20.94
N SER D 59 -2.00 15.28 -20.93
CA SER D 59 -3.44 15.11 -21.15
CA SER D 59 -3.45 15.11 -21.19
C SER D 59 -3.91 13.69 -20.80
C SER D 59 -3.93 13.70 -20.84
N SER D 60 -3.09 12.66 -20.97
CA SER D 60 -3.55 11.27 -20.67
C SER D 60 -3.36 10.89 -19.21
N GLY D 61 -2.44 11.55 -18.52
CA GLY D 61 -2.06 11.17 -17.15
C GLY D 61 -1.09 9.98 -17.11
N LYS D 62 -0.74 9.38 -18.23
CA LYS D 62 0.02 8.11 -18.23
C LYS D 62 1.49 8.36 -17.97
N VAL D 63 2.02 7.71 -16.93
CA VAL D 63 3.45 7.83 -16.58
C VAL D 63 4.02 6.45 -16.58
N GLN D 64 5.13 6.28 -17.25
N GLN D 64 5.14 6.25 -17.28
CA GLN D 64 5.77 4.94 -17.37
CA GLN D 64 5.77 4.92 -17.39
C GLN D 64 7.20 5.03 -16.86
C GLN D 64 7.20 5.03 -16.87
N VAL D 65 7.63 4.06 -16.08
CA VAL D 65 9.02 3.97 -15.59
C VAL D 65 9.68 2.77 -16.26
N GLN D 66 10.85 2.98 -16.84
CA GLN D 66 11.63 1.87 -17.45
C GLN D 66 13.01 1.90 -16.79
N VAL D 67 13.57 0.74 -16.52
CA VAL D 67 14.89 0.63 -15.90
C VAL D 67 15.72 -0.37 -16.72
N SER D 68 16.95 0.02 -17.01
CA SER D 68 17.85 -0.93 -17.70
C SER D 68 19.27 -0.78 -17.18
N VAL D 69 20.08 -1.80 -17.43
CA VAL D 69 21.51 -1.79 -17.08
C VAL D 69 22.28 -2.12 -18.36
N ASN D 70 22.95 -1.13 -18.94
CA ASN D 70 23.72 -1.29 -20.20
C ASN D 70 22.79 -1.86 -21.28
N GLY D 71 21.58 -1.36 -21.37
CA GLY D 71 20.64 -1.80 -22.43
C GLY D 71 19.78 -3.00 -22.02
N ARG D 72 20.12 -3.74 -20.95
CA ARG D 72 19.32 -4.95 -20.54
C ARG D 72 18.17 -4.53 -19.61
N PRO D 73 16.90 -4.68 -20.00
CA PRO D 73 15.79 -4.25 -19.17
C PRO D 73 15.72 -5.04 -17.87
N SER D 74 15.50 -4.31 -16.79
CA SER D 74 15.30 -4.89 -15.45
C SER D 74 13.83 -5.26 -15.28
N ASP D 75 13.61 -6.29 -14.52
CA ASP D 75 12.25 -6.72 -14.13
C ASP D 75 11.70 -5.75 -13.08
N LEU D 76 10.47 -5.34 -13.26
CA LEU D 76 9.89 -4.25 -12.42
C LEU D 76 8.80 -4.80 -11.50
N VAL D 77 8.65 -4.16 -10.35
N VAL D 77 8.66 -4.17 -10.33
CA VAL D 77 7.51 -4.39 -9.44
CA VAL D 77 7.54 -4.40 -9.39
C VAL D 77 7.02 -3.01 -9.02
C VAL D 77 7.01 -3.02 -9.03
N SER D 78 5.71 -2.88 -8.88
CA SER D 78 5.14 -1.55 -8.59
C SER D 78 3.79 -1.65 -7.89
N ALA D 79 3.41 -0.53 -7.26
CA ALA D 79 2.07 -0.31 -6.72
C ALA D 79 1.90 1.18 -6.46
N GLN D 80 0.66 1.57 -6.20
N GLN D 80 0.67 1.57 -6.19
CA GLN D 80 0.30 2.93 -5.82
CA GLN D 80 0.34 2.95 -5.80
C GLN D 80 -0.35 2.89 -4.44
C GLN D 80 -0.33 2.88 -4.44
N VAL D 81 -0.01 3.88 -3.60
N VAL D 81 -0.05 3.86 -3.60
CA VAL D 81 -0.66 4.03 -2.28
CA VAL D 81 -0.75 3.95 -2.30
C VAL D 81 -1.20 5.44 -2.12
C VAL D 81 -1.17 5.40 -2.08
N ILE D 82 -2.36 5.57 -1.52
CA ILE D 82 -2.98 6.88 -1.26
C ILE D 82 -3.19 6.98 0.25
N LEU D 83 -2.70 8.06 0.85
CA LEU D 83 -2.84 8.33 2.32
C LEU D 83 -3.84 9.48 2.50
N THR D 84 -4.69 9.37 3.51
CA THR D 84 -5.77 10.33 3.89
C THR D 84 -6.51 10.80 2.65
N ASN D 85 -6.71 9.87 1.71
CA ASN D 85 -7.52 10.15 0.51
C ASN D 85 -6.98 11.32 -0.31
N GLU D 86 -5.70 11.68 -0.18
CA GLU D 86 -5.14 12.90 -0.82
C GLU D 86 -3.69 12.74 -1.30
N LEU D 87 -2.86 12.09 -0.54
CA LEU D 87 -1.41 12.07 -0.83
C LEU D 87 -1.06 10.76 -1.55
N ASN D 88 -0.50 10.88 -2.74
CA ASN D 88 -0.32 9.72 -3.63
C ASN D 88 1.13 9.40 -3.80
N PHE D 89 1.47 8.11 -3.73
CA PHE D 89 2.81 7.61 -4.07
C PHE D 89 2.64 6.50 -5.11
N ALA D 90 3.47 6.56 -6.13
CA ALA D 90 3.62 5.45 -7.08
C ALA D 90 5.03 4.93 -6.87
N LEU D 91 5.14 3.63 -6.67
CA LEU D 91 6.39 3.02 -6.17
C LEU D 91 6.83 1.97 -7.18
N VAL D 92 8.14 1.96 -7.45
CA VAL D 92 8.71 0.98 -8.38
C VAL D 92 9.97 0.44 -7.76
N GLY D 93 10.12 -0.88 -7.86
CA GLY D 93 11.41 -1.56 -7.66
C GLY D 93 11.84 -2.27 -8.92
N SER D 94 13.09 -2.65 -8.98
CA SER D 94 13.60 -3.27 -10.23
C SER D 94 14.71 -4.24 -9.83
N GLU D 95 14.84 -5.32 -10.58
CA GLU D 95 15.84 -6.38 -10.34
C GLU D 95 16.71 -6.53 -11.56
N ASP D 96 18.02 -6.35 -11.37
CA ASP D 96 19.00 -6.44 -12.47
C ASP D 96 19.83 -7.72 -12.36
N GLY D 97 19.62 -8.54 -11.35
CA GLY D 97 20.57 -9.60 -11.00
C GLY D 97 19.84 -10.89 -10.68
N THR D 98 20.35 -11.63 -9.70
CA THR D 98 19.81 -12.94 -9.25
C THR D 98 19.22 -12.97 -7.84
N ASP D 99 19.50 -12.00 -7.00
CA ASP D 99 19.18 -12.06 -5.56
C ASP D 99 17.73 -11.67 -5.27
N ASN D 100 17.06 -11.04 -6.21
CA ASN D 100 15.64 -10.63 -6.07
C ASN D 100 15.47 -9.72 -4.87
N ASP D 101 16.40 -8.81 -4.63
CA ASP D 101 16.12 -7.76 -3.62
C ASP D 101 15.20 -6.68 -4.22
N TYR D 102 15.13 -6.53 -5.55
CA TYR D 102 14.25 -5.56 -6.24
C TYR D 102 14.51 -4.12 -5.75
N ASN D 103 15.74 -3.81 -5.36
CA ASN D 103 16.14 -2.42 -4.91
C ASN D 103 17.23 -1.85 -5.84
N ASP D 104 17.48 -2.52 -6.96
CA ASP D 104 18.67 -2.17 -7.77
C ASP D 104 18.50 -0.76 -8.35
N ALA D 105 17.30 -0.45 -8.80
CA ALA D 105 16.82 0.94 -9.01
C ALA D 105 15.47 0.99 -8.32
N VAL D 106 15.28 1.99 -7.49
CA VAL D 106 13.99 2.26 -6.79
C VAL D 106 13.51 3.60 -7.31
N VAL D 107 12.25 3.66 -7.68
CA VAL D 107 11.69 4.94 -8.16
C VAL D 107 10.45 5.25 -7.33
N VAL D 108 10.37 6.52 -6.91
CA VAL D 108 9.23 7.01 -6.13
C VAL D 108 8.67 8.22 -6.88
N ILE D 109 7.37 8.15 -7.14
CA ILE D 109 6.60 9.24 -7.75
C ILE D 109 5.64 9.76 -6.71
N ASN D 110 5.58 11.06 -6.50
CA ASN D 110 4.65 11.62 -5.50
C ASN D 110 3.87 12.81 -6.08
N TRP D 111 2.62 12.91 -5.67
CA TRP D 111 1.75 14.03 -6.05
C TRP D 111 0.66 14.12 -5.02
N PRO D 112 0.01 15.28 -4.83
CA PRO D 112 0.31 16.53 -5.49
C PRO D 112 1.53 17.23 -4.94
N LEU D 113 1.97 18.24 -5.69
CA LEU D 113 3.09 19.13 -5.25
C LEU D 113 2.60 20.50 -4.83
N GLY D 114 3.50 21.29 -4.29
CA GLY D 114 3.21 22.71 -3.95
C GLY D 114 2.67 22.94 -2.55
#